data_7PB0
#
_entry.id   7PB0
#
_cell.length_a   185.119
_cell.length_b   185.119
_cell.length_c   113.062
_cell.angle_alpha   90.00
_cell.angle_beta   90.00
_cell.angle_gamma   120.00
#
_symmetry.space_group_name_H-M   'H 3 2'
#
loop_
_entity.id
_entity.type
_entity.pdbx_description
1 polymer 'Dehydrodolichyl diphosphate synthase complex subunit DHDDS'
2 polymer 'Dehydrodolichyl diphosphate synthase complex subunit NUS1'
3 non-polymer '3-methylbut-3-enylsulfanyl(phosphonooxy)phosphinic acid'
4 non-polymer 'phosphonooxy-[(10E)-3,7,11,15-tetramethylhexadeca-2,6,10,14-tetraenyl]sulfanyl-phosphinic acid'
5 non-polymer 'MAGNESIUM ION'
6 water water
#
loop_
_entity_poly.entity_id
_entity_poly.type
_entity_poly.pdbx_seq_one_letter_code
_entity_poly.pdbx_strand_id
1 'polypeptide(L)'
;GSGSGSGMSWIKEGELSLWERFCANIIKAGPMPKHIAFIMDGNRRYAKKCQVERQEGHSQGFNKLAETLRWCLNLGILEV
TVYAFSIENFKRSKSEVDGLMDLARQKFSRLMEEKEKLQKHGVCIRVLGDLHLLPLDLQELIAQAVQATKNYNKCFLNVC
FAYTSRHEISNAVREMAWGVEQGLLDPSDISESLLDKCLYTNRSPHPDILIRTSGEVRLSDFLLWQTSHSCLVFQPVLWP
EYTFWNLFEAILQFQMNHSVLQKARDMYAEERKRQQLERDQATVTEQLLREGLQASGDAQLRRTRLHKLSARREERVQGF
LQALELKRADWLARLGTASA
;
A
2 'polypeptide(L)'
;GSGSGSGRGGSCLAAAHHRMRWRADGRSLEKLPVHMGLVITEVEQEPSFSDIASLVVWCMAVGISYISVYDHQGIFKRNN
SRLMDEILKQQQELLGLDCSKDKDDQVLNCHLAVKVLSPEDGKADIVRAAQDFCQLVAQKQKRPTDLDVDTLASLLSSNG
CPDPDLVLKFGPVDSTLGFLPWHIRLTEIVSLPSHLNISYEDFFSALRQYAACEQRLGK
;
B
#
loop_
_chem_comp.id
_chem_comp.type
_chem_comp.name
_chem_comp.formula
GGS non-polymer 'phosphonooxy-[(10E)-3,7,11,15-tetramethylhexadeca-2,6,10,14-tetraenyl]sulfanyl-phosphinic acid' 'C20 H36 O6 P2 S'
ISY non-polymer '3-methylbut-3-enylsulfanyl(phosphonooxy)phosphinic acid' 'C5 H12 O6 P2 S'
MG non-polymer 'MAGNESIUM ION' 'Mg 2'
#
# COMPACT_ATOMS: atom_id res chain seq x y z
N GLY A 14 9.86 -10.87 -30.12
CA GLY A 14 10.86 -10.91 -29.06
C GLY A 14 10.79 -12.17 -28.20
N GLU A 15 11.31 -13.27 -28.73
CA GLU A 15 11.27 -14.53 -28.01
C GLU A 15 12.41 -14.61 -26.99
N LEU A 16 12.33 -15.60 -26.12
CA LEU A 16 13.32 -15.80 -25.07
C LEU A 16 14.51 -16.60 -25.59
N SER A 17 15.68 -16.34 -25.01
CA SER A 17 16.86 -17.13 -25.32
C SER A 17 16.76 -18.52 -24.67
N LEU A 18 17.73 -19.38 -25.00
CA LEU A 18 17.72 -20.74 -24.47
C LEU A 18 17.74 -20.76 -22.95
N TRP A 19 18.68 -20.04 -22.34
CA TRP A 19 18.76 -20.05 -20.89
C TRP A 19 17.54 -19.41 -20.26
N GLU A 20 17.06 -18.29 -20.81
CA GLU A 20 15.86 -17.65 -20.27
C GLU A 20 14.66 -18.57 -20.37
N ARG A 21 14.49 -19.21 -21.53
CA ARG A 21 13.37 -20.12 -21.74
C ARG A 21 13.44 -21.31 -20.77
N PHE A 22 14.62 -21.93 -20.67
CA PHE A 22 14.81 -23.04 -19.76
C PHE A 22 14.46 -22.65 -18.31
N CYS A 23 15.00 -21.52 -17.85
CA CYS A 23 14.73 -21.08 -16.48
C CYS A 23 13.25 -20.74 -16.30
N ALA A 24 12.63 -20.15 -17.32
CA ALA A 24 11.20 -19.87 -17.27
C ALA A 24 10.41 -21.16 -17.06
N ASN A 25 10.71 -22.20 -17.85
CA ASN A 25 10.00 -23.47 -17.72
C ASN A 25 10.12 -24.03 -16.30
N ILE A 26 11.29 -23.87 -15.69
CA ILE A 26 11.52 -24.43 -14.35
C ILE A 26 10.63 -23.73 -13.32
N ILE A 27 10.72 -22.40 -13.23
CA ILE A 27 9.93 -21.71 -12.23
C ILE A 27 8.44 -21.77 -12.53
N LYS A 28 8.06 -21.99 -13.80
CA LYS A 28 6.64 -22.12 -14.11
C LYS A 28 6.03 -23.37 -13.52
N ALA A 29 6.85 -24.33 -13.08
CA ALA A 29 6.33 -25.48 -12.35
C ALA A 29 5.78 -25.10 -10.99
N GLY A 30 6.10 -23.91 -10.50
CA GLY A 30 5.61 -23.47 -9.21
C GLY A 30 4.61 -22.34 -9.37
N PRO A 31 4.24 -21.71 -8.26
CA PRO A 31 3.27 -20.60 -8.32
C PRO A 31 3.84 -19.43 -9.11
N MET A 32 3.02 -18.87 -9.98
CA MET A 32 3.43 -17.73 -10.77
C MET A 32 2.55 -16.52 -10.44
N PRO A 33 3.12 -15.33 -10.41
CA PRO A 33 2.31 -14.14 -10.16
C PRO A 33 1.38 -13.89 -11.34
N LYS A 34 0.14 -13.53 -11.03
CA LYS A 34 -0.80 -13.14 -12.07
C LYS A 34 -0.69 -11.67 -12.43
N HIS A 35 -0.13 -10.86 -11.52
CA HIS A 35 -0.12 -9.41 -11.65
C HIS A 35 1.14 -8.89 -10.98
N ILE A 36 1.92 -8.10 -11.72
CA ILE A 36 3.14 -7.49 -11.22
C ILE A 36 3.03 -5.97 -11.37
N ALA A 37 3.49 -5.24 -10.36
CA ALA A 37 3.51 -3.78 -10.39
C ALA A 37 4.94 -3.26 -10.31
N PHE A 38 5.22 -2.22 -11.10
CA PHE A 38 6.58 -1.68 -11.28
C PHE A 38 6.62 -0.20 -10.93
N ILE A 39 7.54 0.18 -10.06
CA ILE A 39 7.94 1.57 -9.90
C ILE A 39 9.23 1.75 -10.70
N MET A 40 9.13 2.41 -11.85
CA MET A 40 10.23 2.47 -12.81
C MET A 40 11.13 3.66 -12.47
N ASP A 41 12.02 3.45 -11.51
CA ASP A 41 12.80 4.53 -10.92
C ASP A 41 14.26 4.44 -11.34
N GLY A 42 14.89 5.60 -11.49
CA GLY A 42 16.31 5.71 -11.75
C GLY A 42 16.70 6.17 -13.14
N ASN A 43 15.75 6.73 -13.91
CA ASN A 43 16.04 7.12 -15.28
C ASN A 43 17.07 8.24 -15.35
N ARG A 44 17.00 9.18 -14.40
CA ARG A 44 17.89 10.34 -14.49
C ARG A 44 19.30 10.00 -14.07
N ARG A 45 19.46 9.18 -13.02
CA ARG A 45 20.80 8.74 -12.64
C ARG A 45 21.45 7.96 -13.78
N TYR A 46 20.66 7.14 -14.47
CA TYR A 46 21.15 6.41 -15.63
C TYR A 46 21.65 7.36 -16.72
N ALA A 47 20.89 8.43 -17.00
CA ALA A 47 21.35 9.41 -17.99
C ALA A 47 22.66 10.05 -17.57
N LYS A 48 22.81 10.37 -16.29
CA LYS A 48 24.07 10.95 -15.81
C LYS A 48 25.22 9.96 -15.94
N LYS A 49 24.93 8.66 -15.77
CA LYS A 49 25.98 7.66 -15.88
C LYS A 49 26.40 7.42 -17.33
N CYS A 50 25.47 7.53 -18.27
CA CYS A 50 25.76 7.34 -19.68
C CYS A 50 26.15 8.63 -20.38
N GLN A 51 26.09 9.78 -19.68
CA GLN A 51 26.43 11.09 -20.24
C GLN A 51 25.47 11.46 -21.36
N VAL A 52 24.17 11.27 -21.12
CA VAL A 52 23.14 11.63 -22.07
C VAL A 52 22.18 12.63 -21.41
N GLU A 53 21.49 13.38 -22.26
CA GLU A 53 20.46 14.29 -21.78
C GLU A 53 19.37 13.52 -21.05
N ARG A 54 18.74 14.18 -20.08
CA ARG A 54 17.77 13.50 -19.23
C ARG A 54 16.57 12.99 -20.02
N GLN A 55 16.27 13.62 -21.16
CA GLN A 55 15.13 13.17 -21.96
C GLN A 55 15.39 11.77 -22.52
N GLU A 56 16.63 11.48 -22.91
CA GLU A 56 16.93 10.16 -23.42
C GLU A 56 17.03 9.12 -22.31
N GLY A 57 17.33 9.53 -21.08
CA GLY A 57 17.15 8.64 -19.95
C GLY A 57 15.73 8.15 -19.81
N HIS A 58 14.76 9.06 -20.00
CA HIS A 58 13.36 8.67 -19.91
C HIS A 58 12.90 7.90 -21.14
N SER A 59 13.41 8.25 -22.33
CA SER A 59 13.07 7.50 -23.53
C SER A 59 13.62 6.07 -23.46
N GLN A 60 14.88 5.92 -23.02
CA GLN A 60 15.39 4.59 -22.71
C GLN A 60 14.49 3.90 -21.70
N GLY A 61 13.90 4.65 -20.76
CA GLY A 61 12.99 4.07 -19.81
C GLY A 61 11.75 3.47 -20.47
N PHE A 62 11.24 4.14 -21.50
CA PHE A 62 10.10 3.57 -22.22
C PHE A 62 10.49 2.30 -22.97
N ASN A 63 11.64 2.31 -23.64
CA ASN A 63 12.04 1.12 -24.39
C ASN A 63 12.16 -0.08 -23.46
N LYS A 64 12.62 0.15 -22.23
CA LYS A 64 12.71 -0.95 -21.27
C LYS A 64 11.34 -1.42 -20.84
N LEU A 65 10.37 -0.51 -20.74
CA LEU A 65 9.00 -0.92 -20.42
C LEU A 65 8.46 -1.86 -21.49
N ALA A 66 8.66 -1.52 -22.76
CA ALA A 66 8.18 -2.39 -23.83
C ALA A 66 8.88 -3.74 -23.78
N GLU A 67 10.18 -3.75 -23.53
CA GLU A 67 10.91 -5.02 -23.44
C GLU A 67 10.41 -5.85 -22.27
N THR A 68 10.23 -5.22 -21.10
CA THR A 68 9.83 -5.95 -19.92
C THR A 68 8.43 -6.53 -20.07
N LEU A 69 7.53 -5.78 -20.72
CA LEU A 69 6.18 -6.29 -20.99
C LEU A 69 6.22 -7.54 -21.85
N ARG A 70 7.11 -7.58 -22.85
CA ARG A 70 7.26 -8.78 -23.67
C ARG A 70 7.75 -9.95 -22.83
N TRP A 71 8.65 -9.68 -21.86
CA TRP A 71 9.11 -10.72 -20.95
C TRP A 71 7.94 -11.28 -20.13
N CYS A 72 7.13 -10.39 -19.53
CA CYS A 72 5.97 -10.85 -18.77
C CYS A 72 5.06 -11.71 -19.62
N LEU A 73 4.75 -11.26 -20.84
CA LEU A 73 3.92 -12.03 -21.74
C LEU A 73 4.52 -13.41 -21.96
N ASN A 74 5.83 -13.47 -22.24
CA ASN A 74 6.51 -14.74 -22.40
C ASN A 74 6.52 -15.57 -21.13
N LEU A 75 6.19 -14.99 -19.99
CA LEU A 75 6.13 -15.72 -18.73
C LEU A 75 4.71 -16.05 -18.31
N GLY A 76 3.71 -15.65 -19.09
CA GLY A 76 2.34 -15.86 -18.69
C GLY A 76 1.83 -14.91 -17.65
N ILE A 77 2.56 -13.82 -17.38
CA ILE A 77 2.08 -12.74 -16.52
C ILE A 77 1.34 -11.75 -17.41
N LEU A 78 0.01 -11.73 -17.31
CA LEU A 78 -0.82 -11.05 -18.29
C LEU A 78 -1.42 -9.73 -17.78
N GLU A 79 -1.01 -9.27 -16.61
CA GLU A 79 -1.47 -7.99 -16.08
C GLU A 79 -0.31 -7.30 -15.37
N VAL A 80 0.00 -6.09 -15.80
CA VAL A 80 1.12 -5.30 -15.29
C VAL A 80 0.62 -3.88 -15.00
N THR A 81 1.02 -3.34 -13.86
CA THR A 81 0.73 -1.97 -13.48
C THR A 81 2.04 -1.21 -13.32
N VAL A 82 2.13 -0.02 -13.91
CA VAL A 82 3.37 0.76 -13.90
C VAL A 82 3.10 2.17 -13.40
N TYR A 83 4.04 2.69 -12.59
CA TYR A 83 4.03 4.07 -12.13
C TYR A 83 4.73 4.91 -13.20
N ALA A 84 3.96 5.63 -14.00
CA ALA A 84 4.55 6.42 -15.07
C ALA A 84 4.70 7.91 -14.72
N PHE A 85 3.85 8.44 -13.85
CA PHE A 85 3.97 9.85 -13.48
C PHE A 85 3.23 10.10 -12.19
N SER A 86 3.95 10.59 -11.19
CA SER A 86 3.35 10.93 -9.92
C SER A 86 2.85 12.37 -9.94
N ILE A 87 1.75 12.61 -9.22
CA ILE A 87 1.33 13.99 -9.00
C ILE A 87 2.47 14.80 -8.42
N GLU A 88 3.28 14.17 -7.56
CA GLU A 88 4.46 14.84 -7.01
C GLU A 88 5.44 15.24 -8.10
N ASN A 89 5.48 14.50 -9.21
CA ASN A 89 6.43 14.83 -10.27
C ASN A 89 6.09 16.15 -10.96
N PHE A 90 4.86 16.65 -10.78
CA PHE A 90 4.54 18.00 -11.27
C PHE A 90 5.43 19.06 -10.64
N LYS A 91 6.13 18.76 -9.55
CA LYS A 91 6.99 19.74 -8.92
C LYS A 91 8.35 19.88 -9.62
N ARG A 92 8.62 19.10 -10.66
CA ARG A 92 9.88 19.21 -11.35
C ARG A 92 9.87 20.42 -12.30
N SER A 93 11.03 20.72 -12.87
CA SER A 93 11.15 21.86 -13.76
C SER A 93 10.23 21.71 -14.97
N LYS A 94 9.77 22.85 -15.49
CA LYS A 94 8.96 22.84 -16.70
C LYS A 94 9.66 22.10 -17.83
N SER A 95 10.97 22.29 -17.97
CA SER A 95 11.72 21.60 -19.01
C SER A 95 11.55 20.09 -18.90
N GLU A 96 11.63 19.55 -17.68
CA GLU A 96 11.51 18.12 -17.50
C GLU A 96 10.05 17.66 -17.59
N VAL A 97 9.14 18.42 -16.98
CA VAL A 97 7.73 18.06 -17.02
C VAL A 97 7.23 18.03 -18.46
N ASP A 98 7.57 19.07 -19.23
CA ASP A 98 7.17 19.09 -20.64
C ASP A 98 7.79 17.95 -21.41
N GLY A 99 9.06 17.62 -21.12
CA GLY A 99 9.69 16.49 -21.77
C GLY A 99 8.93 15.19 -21.53
N LEU A 100 8.48 14.98 -20.29
CA LEU A 100 7.71 13.77 -19.99
C LEU A 100 6.33 13.81 -20.66
N MET A 101 5.65 14.95 -20.59
CA MET A 101 4.36 15.07 -21.25
C MET A 101 4.48 14.80 -22.75
N ASP A 102 5.55 15.30 -23.37
CA ASP A 102 5.73 15.09 -24.80
C ASP A 102 6.03 13.63 -25.11
N LEU A 103 6.79 12.96 -24.25
CA LEU A 103 6.99 11.52 -24.41
C LEU A 103 5.66 10.78 -24.36
N ALA A 104 4.80 11.13 -23.41
CA ALA A 104 3.47 10.54 -23.35
C ALA A 104 2.66 10.87 -24.60
N ARG A 105 2.84 12.08 -25.14
CA ARG A 105 2.14 12.43 -26.36
C ARG A 105 2.60 11.57 -27.53
N GLN A 106 3.88 11.18 -27.56
CA GLN A 106 4.38 10.34 -28.65
C GLN A 106 3.82 8.93 -28.53
N LYS A 107 4.00 8.29 -27.36
CA LYS A 107 3.67 6.89 -27.21
C LYS A 107 2.16 6.65 -27.28
N PHE A 108 1.37 7.47 -26.59
CA PHE A 108 -0.08 7.31 -26.66
C PHE A 108 -0.60 7.59 -28.07
N SER A 109 0.07 8.44 -28.84
CA SER A 109 -0.31 8.63 -30.23
C SER A 109 0.21 7.49 -31.11
N ARG A 110 1.42 6.99 -30.82
CA ARG A 110 1.89 5.79 -31.52
C ARG A 110 1.15 4.55 -31.07
N LEU A 111 0.46 4.60 -29.93
CA LEU A 111 -0.47 3.53 -29.59
C LEU A 111 -1.61 3.46 -30.59
N MET A 112 -2.14 4.62 -30.98
CA MET A 112 -2.88 4.69 -32.22
C MET A 112 -1.96 4.42 -33.39
N GLU A 113 -2.53 4.27 -34.58
CA GLU A 113 -1.81 3.76 -35.75
C GLU A 113 -1.43 2.30 -35.52
N GLU A 114 -0.93 1.97 -34.33
CA GLU A 114 -0.62 0.61 -33.95
C GLU A 114 -1.83 -0.15 -33.42
N LYS A 115 -3.04 0.40 -33.58
CA LYS A 115 -4.24 -0.36 -33.28
C LYS A 115 -4.32 -1.58 -34.17
N GLU A 116 -5.36 -2.41 -34.00
CA GLU A 116 -5.49 -3.68 -34.73
C GLU A 116 -4.36 -4.64 -34.35
N LYS A 117 -3.11 -4.17 -34.39
CA LYS A 117 -2.06 -4.87 -33.65
C LYS A 117 -2.34 -4.87 -32.16
N LEU A 118 -3.12 -3.91 -31.66
CA LEU A 118 -3.60 -3.97 -30.29
C LEU A 118 -4.77 -4.94 -30.15
N GLN A 119 -5.66 -4.96 -31.14
CA GLN A 119 -6.80 -5.87 -31.09
C GLN A 119 -6.35 -7.32 -31.29
N LYS A 120 -5.44 -7.55 -32.23
CA LYS A 120 -4.99 -8.92 -32.53
C LYS A 120 -4.41 -9.60 -31.31
N HIS A 121 -3.75 -8.85 -30.43
CA HIS A 121 -3.13 -9.43 -29.25
C HIS A 121 -3.96 -9.21 -27.99
N GLY A 122 -5.14 -8.60 -28.10
CA GLY A 122 -6.04 -8.42 -26.98
C GLY A 122 -5.49 -7.59 -25.82
N VAL A 123 -4.88 -6.46 -26.14
CA VAL A 123 -4.22 -5.63 -25.14
C VAL A 123 -5.19 -4.56 -24.66
N CYS A 124 -5.62 -4.67 -23.41
CA CYS A 124 -6.44 -3.64 -22.78
C CYS A 124 -5.51 -2.63 -22.09
N ILE A 125 -5.72 -1.34 -22.37
CA ILE A 125 -4.93 -0.26 -21.77
C ILE A 125 -5.82 0.54 -20.85
N ARG A 126 -5.41 0.65 -19.58
CA ARG A 126 -6.08 1.49 -18.61
C ARG A 126 -5.09 2.53 -18.11
N VAL A 127 -5.56 3.77 -17.94
CA VAL A 127 -4.73 4.86 -17.44
C VAL A 127 -5.40 5.42 -16.20
N LEU A 128 -4.70 5.35 -15.07
CA LEU A 128 -5.29 5.60 -13.76
C LEU A 128 -4.60 6.79 -13.11
N GLY A 129 -5.39 7.60 -12.41
CA GLY A 129 -4.85 8.77 -11.73
C GLY A 129 -5.82 9.93 -11.74
N ASP A 130 -5.40 11.08 -11.23
CA ASP A 130 -6.22 12.29 -11.27
C ASP A 130 -5.99 12.98 -12.60
N LEU A 131 -6.58 12.39 -13.65
CA LEU A 131 -6.25 12.75 -15.03
C LEU A 131 -6.64 14.19 -15.38
N HIS A 132 -7.49 14.83 -14.58
CA HIS A 132 -7.85 16.21 -14.89
C HIS A 132 -6.69 17.17 -14.69
N LEU A 133 -5.57 16.72 -14.15
CA LEU A 133 -4.37 17.55 -13.97
C LEU A 133 -3.48 17.57 -15.20
N LEU A 134 -3.69 16.65 -16.13
CA LEU A 134 -2.90 16.57 -17.34
C LEU A 134 -3.38 17.60 -18.35
N PRO A 135 -2.53 17.98 -19.32
CA PRO A 135 -2.98 18.86 -20.39
C PRO A 135 -4.24 18.30 -21.05
N LEU A 136 -5.13 19.21 -21.46
CA LEU A 136 -6.42 18.81 -22.00
C LEU A 136 -6.26 17.89 -23.21
N ASP A 137 -5.28 18.17 -24.07
CA ASP A 137 -5.09 17.33 -25.25
C ASP A 137 -4.63 15.94 -24.86
N LEU A 138 -3.73 15.84 -23.87
CA LEU A 138 -3.26 14.54 -23.41
C LEU A 138 -4.41 13.71 -22.86
N GLN A 139 -5.35 14.34 -22.17
CA GLN A 139 -6.54 13.63 -21.69
C GLN A 139 -7.35 13.05 -22.84
N GLU A 140 -7.38 13.73 -23.99
CA GLU A 140 -8.13 13.22 -25.14
C GLU A 140 -7.45 11.99 -25.74
N LEU A 141 -6.12 12.06 -25.95
CA LEU A 141 -5.39 10.89 -26.41
C LEU A 141 -5.58 9.71 -25.47
N ILE A 142 -5.42 9.95 -24.17
CA ILE A 142 -5.59 8.88 -23.18
C ILE A 142 -6.97 8.27 -23.29
N ALA A 143 -8.01 9.11 -23.32
CA ALA A 143 -9.38 8.61 -23.42
C ALA A 143 -9.59 7.80 -24.68
N GLN A 144 -8.95 8.20 -25.78
CA GLN A 144 -9.03 7.42 -27.01
C GLN A 144 -8.45 6.02 -26.80
N ALA A 145 -7.22 5.95 -26.27
CA ALA A 145 -6.57 4.66 -26.09
C ALA A 145 -7.39 3.75 -25.18
N VAL A 146 -7.95 4.30 -24.10
CA VAL A 146 -8.75 3.50 -23.18
C VAL A 146 -10.05 3.05 -23.86
N GLN A 147 -10.72 3.97 -24.56
CA GLN A 147 -11.98 3.62 -25.21
C GLN A 147 -11.78 2.52 -26.24
N ALA A 148 -10.66 2.55 -26.97
CA ALA A 148 -10.45 1.57 -28.03
C ALA A 148 -10.12 0.19 -27.46
N THR A 149 -9.32 0.12 -26.39
CA THR A 149 -8.81 -1.15 -25.93
C THR A 149 -9.66 -1.80 -24.84
N LYS A 150 -10.78 -1.19 -24.48
CA LYS A 150 -11.74 -1.92 -23.66
C LYS A 150 -12.32 -3.07 -24.47
N ASN A 151 -12.95 -4.02 -23.76
CA ASN A 151 -13.48 -5.25 -24.34
C ASN A 151 -12.37 -6.21 -24.75
N TYR A 152 -11.14 -5.73 -24.86
CA TYR A 152 -10.00 -6.60 -25.04
C TYR A 152 -9.63 -7.24 -23.71
N ASN A 153 -9.23 -8.51 -23.76
CA ASN A 153 -9.10 -9.26 -22.50
C ASN A 153 -7.98 -10.28 -22.48
N LYS A 154 -7.02 -10.25 -23.41
CA LYS A 154 -5.93 -11.21 -23.39
C LYS A 154 -4.78 -10.77 -22.49
N CYS A 155 -4.59 -9.46 -22.31
CA CYS A 155 -3.61 -8.95 -21.36
C CYS A 155 -3.97 -7.53 -21.00
N PHE A 156 -3.45 -7.07 -19.86
CA PHE A 156 -3.87 -5.80 -19.28
C PHE A 156 -2.67 -5.02 -18.78
N LEU A 157 -2.54 -3.78 -19.24
CA LEU A 157 -1.49 -2.89 -18.78
C LEU A 157 -2.13 -1.63 -18.20
N ASN A 158 -1.90 -1.39 -16.91
CA ASN A 158 -2.42 -0.22 -16.23
C ASN A 158 -1.29 0.80 -16.09
N VAL A 159 -1.48 1.97 -16.68
CA VAL A 159 -0.52 3.06 -16.63
C VAL A 159 -1.00 4.07 -15.60
N CYS A 160 -0.30 4.18 -14.48
CA CYS A 160 -0.62 5.16 -13.45
C CYS A 160 -0.01 6.50 -13.84
N PHE A 161 -0.87 7.40 -14.28
CA PHE A 161 -0.46 8.66 -14.87
C PHE A 161 -1.11 9.79 -14.07
N ALA A 162 -0.27 10.68 -13.53
CA ALA A 162 -0.73 11.71 -12.60
C ALA A 162 -1.45 11.07 -11.42
N TYR A 163 -0.80 10.09 -10.81
CA TYR A 163 -1.38 9.25 -9.78
C TYR A 163 -0.63 9.42 -8.47
N THR A 164 -1.37 9.42 -7.36
CA THR A 164 -0.84 9.00 -6.07
C THR A 164 -1.88 8.14 -5.36
N SER A 165 -1.40 7.31 -4.44
CA SER A 165 -2.27 6.37 -3.77
C SER A 165 -3.23 7.07 -2.80
N ARG A 166 -2.74 8.09 -2.10
CA ARG A 166 -3.62 8.84 -1.21
C ARG A 166 -4.70 9.56 -1.99
N HIS A 167 -4.36 10.10 -3.16
CA HIS A 167 -5.38 10.71 -4.00
C HIS A 167 -6.38 9.68 -4.50
N GLU A 168 -5.92 8.46 -4.78
CA GLU A 168 -6.84 7.41 -5.20
C GLU A 168 -7.75 6.99 -4.05
N ILE A 169 -7.18 6.79 -2.87
CA ILE A 169 -7.99 6.37 -1.71
C ILE A 169 -8.99 7.46 -1.36
N SER A 170 -8.56 8.72 -1.37
CA SER A 170 -9.46 9.82 -1.06
C SER A 170 -10.63 9.86 -2.04
N ASN A 171 -10.35 9.57 -3.31
CA ASN A 171 -11.40 9.57 -4.32
C ASN A 171 -12.40 8.45 -4.10
N ALA A 172 -11.91 7.27 -3.70
CA ALA A 172 -12.80 6.15 -3.44
C ALA A 172 -13.79 6.50 -2.34
N VAL A 173 -13.30 7.10 -1.25
CA VAL A 173 -14.20 7.49 -0.16
C VAL A 173 -15.19 8.54 -0.66
N ARG A 174 -14.71 9.49 -1.47
CA ARG A 174 -15.59 10.51 -2.04
C ARG A 174 -16.72 9.89 -2.85
N GLU A 175 -16.42 8.80 -3.57
CA GLU A 175 -17.46 8.16 -4.34
C GLU A 175 -18.48 7.48 -3.45
N MET A 176 -18.01 6.85 -2.36
CA MET A 176 -18.93 6.28 -1.39
C MET A 176 -19.78 7.37 -0.74
N ALA A 177 -19.18 8.53 -0.44
CA ALA A 177 -19.95 9.64 0.10
C ALA A 177 -20.95 10.16 -0.91
N TRP A 178 -20.61 10.09 -2.21
CA TRP A 178 -21.57 10.46 -3.24
C TRP A 178 -22.75 9.49 -3.25
N GLY A 179 -22.49 8.20 -3.08
CA GLY A 179 -23.59 7.24 -3.05
C GLY A 179 -24.54 7.48 -1.91
N VAL A 180 -24.00 7.84 -0.74
CA VAL A 180 -24.84 8.20 0.40
C VAL A 180 -25.63 9.47 0.07
N GLU A 181 -24.94 10.50 -0.44
CA GLU A 181 -25.61 11.75 -0.78
C GLU A 181 -26.71 11.52 -1.82
N GLN A 182 -26.56 10.54 -2.69
CA GLN A 182 -27.56 10.24 -3.70
C GLN A 182 -28.57 9.21 -3.26
N GLY A 183 -28.39 8.59 -2.09
CA GLY A 183 -29.38 7.67 -1.55
C GLY A 183 -29.20 6.22 -1.94
N LEU A 184 -28.17 5.87 -2.69
CA LEU A 184 -27.91 4.48 -3.02
C LEU A 184 -27.13 3.74 -1.95
N LEU A 185 -26.63 4.45 -0.94
CA LEU A 185 -25.69 3.87 0.01
C LEU A 185 -26.04 4.31 1.41
N ASP A 186 -26.00 3.38 2.33
CA ASP A 186 -26.05 3.71 3.74
C ASP A 186 -24.63 3.79 4.30
N PRO A 187 -24.37 4.70 5.23
CA PRO A 187 -23.02 4.76 5.84
C PRO A 187 -22.58 3.43 6.44
N SER A 188 -23.52 2.61 6.92
CA SER A 188 -23.19 1.30 7.48
C SER A 188 -22.71 0.32 6.42
N ASP A 189 -23.00 0.56 5.15
CA ASP A 189 -22.60 -0.34 4.08
C ASP A 189 -21.13 -0.17 3.69
N ILE A 190 -20.49 0.91 4.13
CA ILE A 190 -19.10 1.14 3.80
C ILE A 190 -18.24 0.04 4.41
N SER A 191 -17.39 -0.57 3.60
CA SER A 191 -16.58 -1.68 4.05
C SER A 191 -15.26 -1.66 3.30
N GLU A 192 -14.32 -2.46 3.80
CA GLU A 192 -13.05 -2.63 3.10
C GLU A 192 -13.27 -3.07 1.67
N SER A 193 -14.18 -4.02 1.45
CA SER A 193 -14.42 -4.50 0.10
C SER A 193 -15.04 -3.43 -0.78
N LEU A 194 -15.95 -2.62 -0.23
CA LEU A 194 -16.55 -1.56 -1.02
C LEU A 194 -15.50 -0.55 -1.46
N LEU A 195 -14.63 -0.14 -0.53
CA LEU A 195 -13.57 0.78 -0.89
C LEU A 195 -12.69 0.18 -1.99
N ASP A 196 -12.42 -1.12 -1.90
CA ASP A 196 -11.69 -1.82 -2.97
C ASP A 196 -12.32 -1.59 -4.32
N LYS A 197 -13.65 -1.64 -4.40
CA LYS A 197 -14.33 -1.55 -5.68
C LYS A 197 -14.53 -0.11 -6.15
N CYS A 198 -14.05 0.88 -5.40
CA CYS A 198 -14.09 2.27 -5.82
C CYS A 198 -12.72 2.83 -6.19
N LEU A 199 -11.66 2.06 -6.02
CA LEU A 199 -10.34 2.51 -6.44
C LEU A 199 -10.28 2.58 -7.96
N TYR A 200 -9.26 3.28 -8.46
CA TYR A 200 -9.02 3.28 -9.91
C TYR A 200 -8.69 1.89 -10.43
N THR A 201 -8.10 1.04 -9.57
CA THR A 201 -7.63 -0.28 -9.96
C THR A 201 -8.70 -1.36 -9.80
N ASN A 202 -9.98 -0.97 -9.73
CA ASN A 202 -11.03 -1.89 -9.30
C ASN A 202 -11.23 -3.05 -10.27
N ARG A 203 -10.71 -2.97 -11.49
CA ARG A 203 -10.86 -4.06 -12.44
C ARG A 203 -9.70 -5.05 -12.42
N SER A 204 -8.74 -4.89 -11.52
CA SER A 204 -7.62 -5.82 -11.45
C SER A 204 -7.44 -6.34 -10.05
N PRO A 205 -7.00 -7.59 -9.90
CA PRO A 205 -6.63 -8.10 -8.57
C PRO A 205 -5.41 -7.36 -8.04
N HIS A 206 -5.27 -7.36 -6.72
CA HIS A 206 -4.11 -6.78 -6.09
C HIS A 206 -2.83 -7.44 -6.59
N PRO A 207 -1.75 -6.67 -6.75
CA PRO A 207 -0.55 -7.22 -7.38
C PRO A 207 0.10 -8.28 -6.50
N ASP A 208 0.65 -9.31 -7.14
CA ASP A 208 1.40 -10.31 -6.41
C ASP A 208 2.77 -9.79 -6.02
N ILE A 209 3.39 -8.98 -6.89
CA ILE A 209 4.71 -8.44 -6.66
C ILE A 209 4.66 -6.93 -6.87
N LEU A 210 5.37 -6.21 -6.03
CA LEU A 210 5.70 -4.80 -6.26
C LEU A 210 7.21 -4.72 -6.42
N ILE A 211 7.67 -4.15 -7.54
CA ILE A 211 9.08 -4.02 -7.85
C ILE A 211 9.41 -2.55 -7.94
N ARG A 212 10.41 -2.11 -7.16
CA ARG A 212 10.97 -0.78 -7.31
C ARG A 212 12.46 -0.89 -7.61
N THR A 213 12.89 -0.21 -8.66
CA THR A 213 14.27 -0.22 -9.10
C THR A 213 15.03 0.97 -8.52
N SER A 214 16.35 0.98 -8.79
CA SER A 214 17.32 1.89 -8.18
C SER A 214 17.44 1.53 -6.69
N GLY A 215 18.20 2.29 -5.94
CA GLY A 215 18.42 1.78 -4.59
C GLY A 215 17.34 2.07 -3.55
N GLU A 216 16.22 2.68 -3.94
CA GLU A 216 15.30 3.24 -2.95
C GLU A 216 14.44 2.15 -2.32
N VAL A 217 14.31 2.21 -0.99
CA VAL A 217 13.49 1.25 -0.26
C VAL A 217 12.25 1.93 0.30
N ARG A 218 11.46 2.54 -0.59
CA ARG A 218 10.20 3.18 -0.20
C ARG A 218 9.20 3.01 -1.33
N LEU A 219 7.93 3.29 -1.03
CA LEU A 219 6.84 3.04 -1.97
C LEU A 219 6.40 4.29 -2.74
N SER A 220 6.78 5.48 -2.26
CA SER A 220 6.49 6.75 -2.91
C SER A 220 5.03 6.85 -3.38
N ASP A 221 4.11 6.53 -2.47
CA ASP A 221 2.67 6.77 -2.65
C ASP A 221 2.12 5.98 -3.84
N PHE A 222 2.56 4.73 -3.99
CA PHE A 222 2.13 3.87 -5.09
C PHE A 222 1.42 2.64 -4.52
N LEU A 223 0.14 2.49 -4.85
CA LEU A 223 -0.61 1.26 -4.58
C LEU A 223 -0.51 0.84 -3.12
N LEU A 224 -0.66 1.82 -2.21
CA LEU A 224 -0.48 1.53 -0.79
C LEU A 224 -1.55 0.56 -0.29
N TRP A 225 -2.80 0.78 -0.70
CA TRP A 225 -3.86 -0.15 -0.32
C TRP A 225 -3.70 -1.49 -1.01
N GLN A 226 -3.35 -1.48 -2.30
CA GLN A 226 -3.34 -2.72 -3.08
C GLN A 226 -2.17 -3.63 -2.74
N THR A 227 -1.04 -3.09 -2.30
CA THR A 227 0.14 -3.92 -2.05
C THR A 227 0.37 -4.23 -0.58
N SER A 228 -0.64 -4.05 0.26
CA SER A 228 -0.48 -4.28 1.69
C SER A 228 -0.03 -5.71 1.98
N HIS A 229 -0.38 -6.67 1.13
CA HIS A 229 0.02 -8.05 1.31
C HIS A 229 0.81 -8.58 0.12
N SER A 230 1.37 -7.69 -0.69
CA SER A 230 2.16 -8.10 -1.84
C SER A 230 3.59 -8.37 -1.42
N CYS A 231 4.27 -9.17 -2.22
CA CYS A 231 5.68 -9.42 -2.02
C CYS A 231 6.46 -8.21 -2.56
N LEU A 232 7.28 -7.58 -1.71
CA LEU A 232 7.96 -6.35 -2.07
C LEU A 232 9.39 -6.64 -2.46
N VAL A 233 9.81 -6.14 -3.63
CA VAL A 233 11.14 -6.42 -4.17
C VAL A 233 11.81 -5.10 -4.52
N PHE A 234 12.88 -4.75 -3.81
CA PHE A 234 13.66 -3.55 -4.05
C PHE A 234 14.99 -3.95 -4.67
N GLN A 235 15.19 -3.59 -5.95
CA GLN A 235 16.40 -4.02 -6.66
C GLN A 235 17.26 -2.82 -7.02
N PRO A 236 18.57 -2.89 -6.76
CA PRO A 236 19.44 -1.72 -6.97
C PRO A 236 19.53 -1.24 -8.41
N VAL A 237 19.30 -2.11 -9.40
CA VAL A 237 19.51 -1.73 -10.79
C VAL A 237 18.67 -0.50 -11.15
N LEU A 238 19.21 0.35 -12.02
CA LEU A 238 18.46 1.48 -12.56
C LEU A 238 17.51 0.99 -13.64
N TRP A 239 16.33 1.61 -13.71
CA TRP A 239 15.25 1.07 -14.54
C TRP A 239 15.64 0.89 -16.00
N PRO A 240 16.28 1.86 -16.68
CA PRO A 240 16.66 1.62 -18.08
C PRO A 240 17.62 0.45 -18.26
N GLU A 241 18.22 -0.07 -17.19
CA GLU A 241 19.12 -1.21 -17.28
C GLU A 241 18.47 -2.52 -16.86
N TYR A 242 17.17 -2.51 -16.62
CA TYR A 242 16.49 -3.73 -16.21
C TYR A 242 16.73 -4.85 -17.20
N THR A 243 16.94 -6.06 -16.69
CA THR A 243 17.14 -7.24 -17.53
C THR A 243 16.09 -8.29 -17.18
N PHE A 244 15.97 -9.27 -18.08
CA PHE A 244 15.14 -10.43 -17.81
C PHE A 244 15.49 -11.07 -16.47
N TRP A 245 16.78 -11.09 -16.11
CA TRP A 245 17.19 -11.79 -14.88
C TRP A 245 16.82 -11.02 -13.63
N ASN A 246 16.82 -9.68 -13.69
CA ASN A 246 16.21 -8.91 -12.60
C ASN A 246 14.76 -9.34 -12.40
N LEU A 247 13.98 -9.38 -13.49
CA LEU A 247 12.60 -9.82 -13.38
C LEU A 247 12.53 -11.23 -12.84
N PHE A 248 13.40 -12.10 -13.34
CA PHE A 248 13.44 -13.49 -12.88
C PHE A 248 13.72 -13.55 -11.40
N GLU A 249 14.68 -12.75 -10.92
CA GLU A 249 14.98 -12.70 -9.50
C GLU A 249 13.76 -12.30 -8.69
N ALA A 250 13.00 -11.31 -9.16
CA ALA A 250 11.82 -10.86 -8.43
C ALA A 250 10.80 -11.97 -8.31
N ILE A 251 10.59 -12.72 -9.40
CA ILE A 251 9.65 -13.84 -9.35
C ILE A 251 10.17 -14.92 -8.42
N LEU A 252 11.48 -15.12 -8.37
CA LEU A 252 12.08 -16.05 -7.42
C LEU A 252 11.76 -15.64 -5.98
N GLN A 253 11.83 -14.35 -5.69
CA GLN A 253 11.47 -13.87 -4.36
C GLN A 253 10.02 -14.21 -4.06
N PHE A 254 9.13 -13.92 -5.01
CA PHE A 254 7.71 -14.23 -4.85
C PHE A 254 7.49 -15.70 -4.52
N GLN A 255 8.16 -16.60 -5.24
CA GLN A 255 7.92 -18.03 -5.02
C GLN A 255 8.39 -18.47 -3.65
N MET A 256 9.47 -17.87 -3.15
CA MET A 256 9.96 -18.27 -1.83
C MET A 256 9.07 -17.72 -0.72
N ASN A 257 8.40 -16.59 -0.95
CA ASN A 257 7.48 -16.00 0.02
C ASN A 257 6.08 -16.57 -0.07
N HIS A 258 5.78 -17.34 -1.10
CA HIS A 258 4.38 -17.51 -1.51
C HIS A 258 3.55 -18.25 -0.47
N SER A 259 4.09 -19.30 0.14
CA SER A 259 3.29 -20.09 1.06
C SER A 259 2.95 -19.28 2.32
N VAL A 260 3.95 -18.65 2.93
CA VAL A 260 3.68 -17.86 4.14
C VAL A 260 2.84 -16.62 3.79
N LEU A 261 3.08 -16.03 2.63
CA LEU A 261 2.35 -14.82 2.26
C LEU A 261 0.89 -15.11 1.98
N GLN A 262 0.59 -16.24 1.32
CA GLN A 262 -0.81 -16.52 1.03
C GLN A 262 -1.56 -17.00 2.26
N LYS A 263 -0.89 -17.67 3.19
CA LYS A 263 -1.54 -18.02 4.45
C LYS A 263 -1.91 -16.76 5.23
N ALA A 264 -0.98 -15.80 5.30
CA ALA A 264 -1.28 -14.54 5.96
C ALA A 264 -2.39 -13.78 5.23
N ARG A 265 -2.33 -13.77 3.90
CA ARG A 265 -3.39 -13.15 3.11
C ARG A 265 -4.73 -13.80 3.39
N ASP A 266 -4.74 -15.12 3.60
CA ASP A 266 -6.00 -15.83 3.84
C ASP A 266 -6.46 -15.67 5.29
N MET A 267 -5.52 -15.67 6.24
CA MET A 267 -5.89 -15.43 7.64
C MET A 267 -6.49 -14.05 7.81
N TYR A 268 -5.89 -13.03 7.18
CA TYR A 268 -6.47 -11.69 7.19
C TYR A 268 -7.91 -11.73 6.71
N ALA A 269 -8.15 -12.38 5.58
CA ALA A 269 -9.50 -12.43 5.01
C ALA A 269 -10.46 -13.15 5.95
N GLU A 270 -10.04 -14.29 6.49
CA GLU A 270 -10.92 -15.03 7.39
C GLU A 270 -11.18 -14.25 8.66
N GLU A 271 -10.21 -13.45 9.11
CA GLU A 271 -10.41 -12.67 10.31
C GLU A 271 -11.34 -11.50 10.07
N ARG A 272 -11.28 -10.89 8.88
CA ARG A 272 -12.19 -9.81 8.55
C ARG A 272 -13.62 -10.31 8.46
N LYS A 273 -13.85 -11.45 7.80
CA LYS A 273 -15.21 -11.97 7.71
C LYS A 273 -15.74 -12.38 9.07
N ARG A 274 -14.88 -12.94 9.93
CA ARG A 274 -15.29 -13.27 11.29
C ARG A 274 -15.76 -12.03 12.05
N GLN A 275 -14.96 -10.96 12.00
CA GLN A 275 -15.31 -9.75 12.73
C GLN A 275 -16.57 -9.10 12.16
N GLN A 276 -16.75 -9.15 10.85
CA GLN A 276 -17.97 -8.60 10.25
C GLN A 276 -19.20 -9.37 10.72
N LEU A 277 -19.10 -10.70 10.76
CA LEU A 277 -20.21 -11.51 11.27
C LEU A 277 -20.52 -11.18 12.72
N GLU A 278 -19.50 -10.96 13.53
CA GLU A 278 -19.73 -10.59 14.92
C GLU A 278 -20.40 -9.23 15.03
N ARG A 279 -19.97 -8.27 14.20
CA ARG A 279 -20.58 -6.95 14.22
C ARG A 279 -22.04 -7.00 13.78
N ASP A 280 -22.31 -7.72 12.70
CA ASP A 280 -23.68 -7.84 12.21
C ASP A 280 -24.58 -8.52 13.23
N GLN A 281 -24.09 -9.58 13.88
CA GLN A 281 -24.96 -10.27 14.83
C GLN A 281 -25.13 -9.48 16.12
N ALA A 282 -24.18 -8.61 16.47
CA ALA A 282 -24.41 -7.67 17.57
C ALA A 282 -25.47 -6.64 17.18
N THR A 283 -25.48 -6.21 15.92
CA THR A 283 -26.54 -5.33 15.42
C THR A 283 -27.90 -6.02 15.55
N VAL A 284 -28.01 -7.25 15.05
CA VAL A 284 -29.26 -8.00 15.18
C VAL A 284 -29.64 -8.14 16.65
N THR A 285 -28.64 -8.32 17.52
CA THR A 285 -28.95 -8.46 18.96
C THR A 285 -29.58 -7.18 19.51
N GLU A 286 -28.99 -6.03 19.20
CA GLU A 286 -29.51 -4.77 19.73
C GLU A 286 -30.94 -4.55 19.28
N GLN A 287 -31.21 -4.69 17.99
CA GLN A 287 -32.57 -4.55 17.48
C GLN A 287 -33.52 -5.55 18.10
N LEU A 288 -33.01 -6.70 18.52
CA LEU A 288 -33.89 -7.72 19.11
C LEU A 288 -34.17 -7.44 20.58
N LEU A 289 -33.15 -6.96 21.29
CA LEU A 289 -33.21 -6.63 22.71
C LEU A 289 -34.16 -5.47 23.00
N ARG A 290 -34.13 -4.44 22.15
CA ARG A 290 -34.99 -3.28 22.35
C ARG A 290 -36.41 -3.80 22.25
N GLU A 291 -36.61 -4.69 21.28
CA GLU A 291 -37.90 -5.34 21.09
C GLU A 291 -38.00 -6.37 22.21
N GLY A 292 -39.21 -6.77 22.55
CA GLY A 292 -39.39 -7.74 23.62
C GLY A 292 -38.64 -9.01 23.25
N LEU A 293 -38.69 -9.35 21.98
CA LEU A 293 -38.03 -10.55 21.46
C LEU A 293 -36.69 -10.99 22.08
N GLN A 294 -36.61 -12.32 22.24
CA GLN A 294 -35.49 -13.03 22.83
C GLN A 294 -34.25 -13.06 21.95
N ALA A 295 -33.12 -13.33 22.56
CA ALA A 295 -31.84 -13.44 21.86
C ALA A 295 -31.83 -14.63 20.90
N SER A 296 -32.45 -15.73 21.34
CA SER A 296 -32.53 -16.95 20.55
C SER A 296 -33.92 -17.56 20.71
N GLY A 297 -34.26 -18.45 19.80
CA GLY A 297 -35.54 -19.13 19.88
C GLY A 297 -35.70 -20.07 18.71
N ASP A 298 -36.69 -20.95 18.84
CA ASP A 298 -36.96 -21.91 17.78
C ASP A 298 -37.41 -21.21 16.51
N ALA A 299 -38.07 -20.06 16.64
CA ALA A 299 -38.49 -19.30 15.47
C ALA A 299 -37.29 -18.87 14.63
N GLN A 300 -36.10 -18.84 15.21
CA GLN A 300 -34.86 -18.53 14.51
C GLN A 300 -34.97 -17.18 13.79
N LEU A 301 -35.51 -16.19 14.51
CA LEU A 301 -35.67 -14.88 13.91
C LEU A 301 -34.36 -14.11 13.85
N ARG A 302 -33.43 -14.40 14.76
CA ARG A 302 -32.08 -13.88 14.61
C ARG A 302 -31.49 -14.27 13.26
N ARG A 303 -31.73 -15.52 12.84
CA ARG A 303 -31.12 -16.01 11.62
C ARG A 303 -31.76 -15.39 10.38
N THR A 304 -33.06 -15.06 10.43
CA THR A 304 -33.67 -14.40 9.28
C THR A 304 -33.41 -12.90 9.28
N ARG A 305 -33.37 -12.26 10.46
CA ARG A 305 -32.94 -10.86 10.51
C ARG A 305 -31.52 -10.70 9.99
N LEU A 306 -30.66 -11.69 10.26
CA LEU A 306 -29.27 -11.63 9.81
C LEU A 306 -29.17 -11.74 8.28
N HIS A 307 -29.99 -12.58 7.67
CA HIS A 307 -29.95 -12.75 6.22
C HIS A 307 -30.52 -11.53 5.52
N LYS A 308 -31.55 -10.92 6.08
CA LYS A 308 -32.12 -9.72 5.48
C LYS A 308 -31.17 -8.53 5.62
N LEU A 309 -30.51 -8.41 6.78
CA LEU A 309 -29.51 -7.36 6.95
C LEU A 309 -28.43 -7.46 5.87
N SER A 310 -27.94 -8.67 5.59
CA SER A 310 -26.89 -8.83 4.59
C SER A 310 -27.45 -8.64 3.18
N ALA A 311 -28.62 -9.18 2.90
CA ALA A 311 -29.15 -9.12 1.54
C ALA A 311 -29.51 -7.71 1.14
N ARG A 312 -30.17 -6.95 2.03
CA ARG A 312 -30.48 -5.56 1.71
C ARG A 312 -29.21 -4.73 1.56
N ARG A 313 -28.15 -5.09 2.30
CA ARG A 313 -26.87 -4.43 2.13
C ARG A 313 -26.28 -4.73 0.75
N GLU A 314 -26.31 -6.00 0.33
CA GLU A 314 -25.74 -6.36 -0.97
C GLU A 314 -26.49 -5.70 -2.12
N GLU A 315 -27.82 -5.61 -2.03
CA GLU A 315 -28.59 -4.99 -3.11
C GLU A 315 -28.28 -3.51 -3.22
N ARG A 316 -28.14 -2.82 -2.08
CA ARG A 316 -27.77 -1.41 -2.11
C ARG A 316 -26.37 -1.22 -2.71
N VAL A 317 -25.42 -2.09 -2.33
CA VAL A 317 -24.05 -1.96 -2.82
C VAL A 317 -24.00 -2.24 -4.31
N GLN A 318 -24.67 -3.31 -4.76
CA GLN A 318 -24.64 -3.66 -6.17
C GLN A 318 -25.36 -2.60 -7.02
N GLY A 319 -26.34 -1.91 -6.44
CA GLY A 319 -26.96 -0.80 -7.15
C GLY A 319 -26.06 0.43 -7.18
N PHE A 320 -25.33 0.67 -6.10
CA PHE A 320 -24.38 1.78 -6.08
C PHE A 320 -23.24 1.54 -7.07
N LEU A 321 -22.72 0.32 -7.13
CA LEU A 321 -21.62 0.03 -8.04
C LEU A 321 -22.06 0.16 -9.49
N GLN A 322 -23.27 -0.30 -9.81
CA GLN A 322 -23.78 -0.16 -11.17
C GLN A 322 -23.91 1.32 -11.55
N ALA A 323 -24.29 2.18 -10.60
CA ALA A 323 -24.39 3.60 -10.89
C ALA A 323 -23.01 4.25 -10.96
N LEU A 324 -22.07 3.80 -10.15
CA LEU A 324 -20.71 4.34 -10.21
C LEU A 324 -20.05 4.02 -11.53
N GLU A 325 -20.22 2.79 -12.03
CA GLU A 325 -19.63 2.43 -13.31
C GLU A 325 -20.30 3.16 -14.47
N LEU A 326 -21.57 3.52 -14.31
CA LEU A 326 -22.26 4.26 -15.36
C LEU A 326 -21.68 5.67 -15.51
N LYS A 327 -21.42 6.34 -14.39
CA LYS A 327 -20.84 7.68 -14.49
C LYS A 327 -19.34 7.64 -14.74
N ARG A 328 -18.67 6.54 -14.38
CA ARG A 328 -17.28 6.37 -14.80
C ARG A 328 -17.21 6.22 -16.31
N ALA A 329 -18.04 5.36 -16.87
CA ALA A 329 -18.04 5.17 -18.32
C ALA A 329 -18.95 6.22 -18.96
N ASP A 330 -18.65 7.49 -18.69
CA ASP A 330 -19.41 8.61 -19.23
C ASP A 330 -18.59 9.44 -20.23
N TRP A 331 -17.44 8.93 -20.62
CA TRP A 331 -16.56 9.64 -21.55
C TRP A 331 -16.67 9.07 -22.96
N LEU A 332 -17.06 9.91 -23.92
CA LEU A 332 -17.40 11.32 -23.69
C LEU A 332 -16.37 12.36 -23.26
N ALA A 333 -15.16 11.98 -22.91
CA ALA A 333 -14.17 12.98 -22.49
C ALA A 333 -12.81 13.12 -23.18
N ARG A 334 -12.62 12.63 -24.40
CA ARG A 334 -13.66 11.96 -25.18
C ARG A 334 -13.10 11.28 -26.42
N ALA B 15 24.57 4.92 34.85
CA ALA B 15 23.30 5.21 34.20
C ALA B 15 23.38 6.53 33.43
N ALA B 16 23.95 7.55 34.08
CA ALA B 16 24.15 8.83 33.41
C ALA B 16 25.11 8.71 32.24
N HIS B 17 26.00 7.71 32.29
CA HIS B 17 26.92 7.47 31.18
C HIS B 17 26.22 6.75 30.03
N HIS B 18 25.46 5.69 30.35
CA HIS B 18 24.76 4.96 29.29
C HIS B 18 23.70 5.83 28.63
N ARG B 19 23.01 6.67 29.42
CA ARG B 19 22.02 7.57 28.83
C ARG B 19 22.70 8.61 27.93
N MET B 20 23.81 9.19 28.39
CA MET B 20 24.51 10.19 27.59
C MET B 20 25.05 9.58 26.30
N ARG B 21 25.55 8.34 26.36
CA ARG B 21 26.13 7.71 25.18
C ARG B 21 25.07 7.48 24.11
N TRP B 22 23.89 6.99 24.50
CA TRP B 22 22.85 6.74 23.52
C TRP B 22 22.33 8.04 22.92
N ARG B 23 22.31 9.13 23.71
CA ARG B 23 21.88 10.42 23.18
C ARG B 23 22.90 10.96 22.16
N ALA B 24 24.19 10.85 22.48
CA ALA B 24 25.21 11.29 21.53
C ALA B 24 25.17 10.44 20.25
N ASP B 25 24.86 9.16 20.39
CA ASP B 25 24.70 8.31 19.21
C ASP B 25 23.61 8.85 18.30
N GLY B 26 22.43 9.13 18.86
CA GLY B 26 21.34 9.66 18.06
C GLY B 26 21.68 11.00 17.42
N ARG B 27 22.35 11.87 18.16
CA ARG B 27 22.69 13.18 17.64
C ARG B 27 23.78 13.12 16.58
N SER B 28 24.60 12.07 16.57
CA SER B 28 25.68 11.98 15.60
C SER B 28 25.18 11.69 14.19
N LEU B 29 23.98 11.12 14.06
CA LEU B 29 23.47 10.73 12.76
C LEU B 29 23.01 11.94 11.98
N GLU B 30 23.10 11.85 10.65
CA GLU B 30 22.64 12.94 9.80
C GLU B 30 21.17 13.23 10.00
N LYS B 31 20.37 12.20 10.29
CA LYS B 31 18.96 12.40 10.55
C LYS B 31 18.48 11.24 11.40
N LEU B 32 17.49 11.51 12.24
CA LEU B 32 16.84 10.57 13.11
C LEU B 32 15.37 10.46 12.76
N PRO B 33 14.78 9.28 12.80
CA PRO B 33 13.33 9.19 12.60
C PRO B 33 12.58 9.77 13.79
N VAL B 34 11.54 10.55 13.50
CA VAL B 34 10.67 11.00 14.58
C VAL B 34 9.73 9.87 15.00
N HIS B 35 9.33 9.02 14.05
CA HIS B 35 8.44 7.90 14.31
C HIS B 35 9.01 6.66 13.64
N MET B 36 9.28 5.63 14.42
CA MET B 36 9.75 4.35 13.90
C MET B 36 8.68 3.29 14.08
N GLY B 37 8.55 2.42 13.08
CA GLY B 37 7.69 1.25 13.15
C GLY B 37 8.53 -0.01 13.24
N LEU B 38 8.11 -0.91 14.13
CA LEU B 38 8.74 -2.22 14.28
C LEU B 38 7.73 -3.24 13.77
N VAL B 39 8.06 -3.91 12.69
CA VAL B 39 7.18 -4.89 12.05
C VAL B 39 7.80 -6.26 12.22
N ILE B 40 7.08 -7.16 12.89
CA ILE B 40 7.53 -8.52 13.12
C ILE B 40 6.69 -9.46 12.26
N THR B 41 7.34 -10.15 11.33
CA THR B 41 6.65 -11.08 10.45
C THR B 41 6.83 -12.53 10.86
N GLU B 42 7.82 -12.84 11.69
CA GLU B 42 8.09 -14.23 12.05
C GLU B 42 6.96 -14.79 12.90
N VAL B 43 6.41 -15.93 12.46
CA VAL B 43 5.27 -16.57 13.12
C VAL B 43 5.61 -18.02 13.44
N GLU B 44 6.89 -18.38 13.29
CA GLU B 44 7.35 -19.73 13.61
C GLU B 44 7.57 -19.93 15.10
N GLN B 45 7.33 -18.91 15.92
CA GLN B 45 7.49 -18.96 17.37
C GLN B 45 6.92 -17.69 17.96
N GLU B 46 6.43 -17.79 19.19
CA GLU B 46 5.98 -16.60 19.90
C GLU B 46 7.11 -15.58 19.95
N PRO B 47 6.83 -14.30 19.71
CA PRO B 47 7.90 -13.30 19.71
C PRO B 47 8.54 -13.14 21.08
N SER B 48 9.76 -12.62 21.06
CA SER B 48 10.52 -12.40 22.29
C SER B 48 10.21 -10.99 22.81
N PHE B 49 9.46 -10.93 23.91
CA PHE B 49 9.10 -9.63 24.48
C PHE B 49 10.34 -8.86 24.91
N SER B 50 11.33 -9.56 25.48
CA SER B 50 12.52 -8.88 25.96
C SER B 50 13.32 -8.28 24.80
N ASP B 51 13.27 -8.88 23.61
CA ASP B 51 13.99 -8.29 22.49
C ASP B 51 13.22 -7.12 21.89
N ILE B 52 11.89 -7.21 21.83
CA ILE B 52 11.11 -6.09 21.35
C ILE B 52 11.28 -4.89 22.29
N ALA B 53 11.23 -5.14 23.60
CA ALA B 53 11.35 -4.04 24.56
C ALA B 53 12.71 -3.36 24.45
N SER B 54 13.79 -4.15 24.26
CA SER B 54 15.11 -3.56 24.07
C SER B 54 15.13 -2.64 22.84
N LEU B 55 14.50 -3.07 21.75
CA LEU B 55 14.40 -2.21 20.58
C LEU B 55 13.67 -0.92 20.93
N VAL B 56 12.55 -1.02 21.64
CA VAL B 56 11.78 0.16 21.99
C VAL B 56 12.60 1.09 22.89
N VAL B 57 13.30 0.53 23.88
CA VAL B 57 14.06 1.35 24.81
C VAL B 57 15.24 2.03 24.11
N TRP B 58 15.88 1.34 23.17
CA TRP B 58 16.93 1.97 22.37
C TRP B 58 16.38 3.14 21.56
N CYS B 59 15.22 2.95 20.93
CA CYS B 59 14.60 4.04 20.18
C CYS B 59 14.41 5.28 21.04
N MET B 60 13.84 5.09 22.23
CA MET B 60 13.61 6.23 23.13
C MET B 60 14.93 6.86 23.57
N ALA B 61 15.92 6.02 23.91
CA ALA B 61 17.17 6.55 24.43
C ALA B 61 18.00 7.27 23.35
N VAL B 62 17.82 6.93 22.08
CA VAL B 62 18.57 7.65 21.04
C VAL B 62 17.84 8.89 20.58
N GLY B 63 16.56 9.04 20.91
CA GLY B 63 15.86 10.29 20.68
C GLY B 63 14.69 10.19 19.73
N ILE B 64 14.19 8.98 19.49
CA ILE B 64 13.06 8.76 18.60
C ILE B 64 11.78 8.91 19.41
N SER B 65 10.88 9.77 18.94
CA SER B 65 9.72 10.17 19.76
C SER B 65 8.64 9.09 19.81
N TYR B 66 8.34 8.44 18.69
CA TYR B 66 7.25 7.47 18.65
C TYR B 66 7.75 6.15 18.09
N ILE B 67 7.26 5.06 18.66
CA ILE B 67 7.56 3.70 18.21
C ILE B 67 6.24 2.95 18.10
N SER B 68 5.99 2.37 16.92
CA SER B 68 4.83 1.52 16.70
C SER B 68 5.31 0.08 16.59
N VAL B 69 4.76 -0.79 17.43
CA VAL B 69 5.06 -2.21 17.40
C VAL B 69 3.90 -2.92 16.71
N TYR B 70 4.21 -3.78 15.74
CA TYR B 70 3.19 -4.36 14.88
C TYR B 70 3.49 -5.81 14.58
N ASP B 71 2.45 -6.64 14.60
CA ASP B 71 2.51 -7.97 14.01
C ASP B 71 1.14 -8.29 13.43
N HIS B 72 1.13 -9.00 12.30
CA HIS B 72 -0.12 -9.20 11.58
C HIS B 72 -1.08 -10.16 12.28
N GLN B 73 -0.62 -10.90 13.29
CA GLN B 73 -1.50 -11.78 14.04
C GLN B 73 -2.11 -11.11 15.27
N GLY B 74 -1.71 -9.89 15.59
CA GLY B 74 -2.22 -9.22 16.77
C GLY B 74 -1.72 -9.76 18.09
N ILE B 75 -0.57 -10.46 18.09
CA ILE B 75 -0.06 -11.06 19.32
C ILE B 75 0.34 -9.97 20.32
N PHE B 76 1.04 -8.94 19.84
CA PHE B 76 1.43 -7.85 20.74
C PHE B 76 0.21 -7.10 21.25
N LYS B 77 -0.82 -6.94 20.43
CA LYS B 77 -2.02 -6.26 20.89
C LYS B 77 -2.75 -7.06 21.95
N ARG B 78 -2.77 -8.38 21.84
CA ARG B 78 -3.42 -9.20 22.86
C ARG B 78 -2.55 -9.40 24.10
N ASN B 79 -1.30 -8.98 24.06
CA ASN B 79 -0.38 -9.09 25.20
C ASN B 79 0.24 -7.74 25.48
N ASN B 80 -0.63 -6.72 25.53
CA ASN B 80 -0.16 -5.35 25.72
C ASN B 80 0.55 -5.19 27.07
N SER B 81 -0.05 -5.70 28.14
CA SER B 81 0.50 -5.48 29.48
C SER B 81 1.86 -6.13 29.65
N ARG B 82 2.01 -7.36 29.17
CA ARG B 82 3.31 -8.02 29.27
C ARG B 82 4.38 -7.23 28.52
N LEU B 83 4.01 -6.65 27.36
CA LEU B 83 5.00 -5.91 26.57
C LEU B 83 5.40 -4.63 27.27
N MET B 84 4.42 -3.84 27.71
CA MET B 84 4.70 -2.60 28.43
C MET B 84 5.51 -2.88 29.70
N ASP B 85 5.10 -3.90 30.46
CA ASP B 85 5.85 -4.24 31.68
C ASP B 85 7.29 -4.57 31.36
N GLU B 86 7.53 -5.25 30.24
CA GLU B 86 8.90 -5.58 29.85
C GLU B 86 9.67 -4.32 29.46
N ILE B 87 9.00 -3.42 28.73
CA ILE B 87 9.61 -2.14 28.38
C ILE B 87 9.97 -1.35 29.64
N LEU B 88 9.01 -1.24 30.57
CA LEU B 88 9.28 -0.49 31.79
C LEU B 88 10.45 -1.10 32.57
N LYS B 89 10.47 -2.42 32.70
CA LYS B 89 11.56 -3.08 33.41
C LYS B 89 12.90 -2.74 32.79
N GLN B 90 13.00 -2.87 31.47
CA GLN B 90 14.26 -2.56 30.79
C GLN B 90 14.51 -1.08 30.66
N GLN B 91 13.48 -0.24 30.75
CA GLN B 91 13.72 1.19 30.83
C GLN B 91 14.33 1.57 32.18
N GLN B 92 14.19 0.73 33.20
CA GLN B 92 15.08 0.72 34.34
C GLN B 92 16.22 -0.24 34.04
N GLU B 93 17.19 -0.36 34.94
CA GLU B 93 18.39 -1.18 34.71
C GLU B 93 19.25 -0.53 33.63
N LEU B 94 18.78 -0.51 32.39
CA LEU B 94 19.23 0.50 31.44
C LEU B 94 18.51 1.79 31.76
N LEU B 95 19.21 2.93 31.60
CA LEU B 95 18.69 4.27 31.88
C LEU B 95 18.52 4.55 33.37
N GLY B 96 18.75 3.58 34.24
CA GLY B 96 18.53 3.76 35.66
C GLY B 96 17.07 3.86 36.03
N ASP B 102 9.47 8.37 39.88
CA ASP B 102 8.08 8.50 39.47
C ASP B 102 7.71 7.42 38.47
N LYS B 103 7.23 6.29 38.99
CA LYS B 103 6.83 5.18 38.13
C LYS B 103 5.68 5.59 37.21
N ASP B 104 4.70 6.32 37.74
CA ASP B 104 3.56 6.74 36.94
C ASP B 104 3.97 7.70 35.83
N ASP B 105 4.98 8.55 36.08
CA ASP B 105 5.51 9.37 35.01
C ASP B 105 6.17 8.53 33.93
N GLN B 106 6.95 7.52 34.34
CA GLN B 106 7.56 6.62 33.36
C GLN B 106 6.49 5.83 32.60
N VAL B 107 5.41 5.46 33.28
CA VAL B 107 4.31 4.76 32.61
C VAL B 107 3.65 5.67 31.59
N LEU B 108 3.31 6.90 32.00
CA LEU B 108 2.65 7.82 31.09
C LEU B 108 3.53 8.14 29.88
N ASN B 109 4.84 8.32 30.09
CA ASN B 109 5.72 8.67 28.98
C ASN B 109 5.91 7.53 27.98
N CYS B 110 5.72 6.28 28.41
CA CYS B 110 5.79 5.16 27.47
C CYS B 110 4.46 4.97 26.72
N HIS B 111 3.34 5.22 27.40
CA HIS B 111 2.05 5.16 26.72
C HIS B 111 1.94 6.23 25.64
N LEU B 112 2.61 7.38 25.85
CA LEU B 112 2.59 8.43 24.84
C LEU B 112 3.51 8.09 23.67
N ALA B 113 4.59 7.36 23.91
CA ALA B 113 5.57 7.09 22.87
C ALA B 113 5.34 5.77 22.14
N VAL B 114 4.68 4.80 22.78
CA VAL B 114 4.60 3.44 22.25
C VAL B 114 3.17 3.14 21.88
N LYS B 115 2.95 2.85 20.60
CA LYS B 115 1.67 2.34 20.13
C LYS B 115 1.86 0.89 19.71
N VAL B 116 0.95 0.03 20.15
CA VAL B 116 0.95 -1.37 19.75
C VAL B 116 -0.18 -1.57 18.75
N LEU B 117 0.18 -1.94 17.53
CA LEU B 117 -0.76 -1.98 16.41
C LEU B 117 -0.97 -3.42 15.94
N SER B 118 -2.12 -3.62 15.28
CA SER B 118 -2.51 -4.86 14.62
C SER B 118 -3.08 -4.48 13.25
N PRO B 119 -3.47 -5.43 12.40
CA PRO B 119 -3.98 -5.05 11.07
C PRO B 119 -5.18 -4.11 11.10
N GLU B 120 -6.06 -4.20 12.11
CA GLU B 120 -7.24 -3.33 12.14
C GLU B 120 -6.89 -1.85 12.23
N ASP B 121 -5.65 -1.51 12.55
CA ASP B 121 -5.27 -0.10 12.60
C ASP B 121 -4.92 0.45 11.22
N GLY B 122 -4.87 -0.39 10.21
CA GLY B 122 -4.64 0.08 8.86
C GLY B 122 -5.94 0.23 8.09
N LYS B 123 -6.26 -0.78 7.27
CA LYS B 123 -7.40 -0.67 6.38
C LYS B 123 -8.72 -0.49 7.14
N ALA B 124 -8.90 -1.21 8.25
CA ALA B 124 -10.15 -1.08 9.00
C ALA B 124 -10.33 0.32 9.55
N ASP B 125 -9.23 0.99 9.90
CA ASP B 125 -9.34 2.35 10.43
C ASP B 125 -9.67 3.35 9.33
N ILE B 126 -9.13 3.15 8.12
CA ILE B 126 -9.50 4.01 7.00
C ILE B 126 -10.98 3.86 6.70
N VAL B 127 -11.47 2.63 6.72
CA VAL B 127 -12.90 2.39 6.51
C VAL B 127 -13.73 3.07 7.59
N ARG B 128 -13.26 3.01 8.83
CA ARG B 128 -13.98 3.65 9.94
C ARG B 128 -14.08 5.16 9.72
N ALA B 129 -12.98 5.80 9.32
CA ALA B 129 -13.02 7.22 9.02
C ALA B 129 -13.98 7.51 7.88
N ALA B 130 -14.04 6.64 6.88
CA ALA B 130 -14.97 6.82 5.78
C ALA B 130 -16.41 6.73 6.25
N GLN B 131 -16.70 5.81 7.18
CA GLN B 131 -18.04 5.72 7.73
C GLN B 131 -18.41 6.99 8.47
N ASP B 132 -17.51 7.45 9.35
CA ASP B 132 -17.77 8.67 10.10
C ASP B 132 -18.00 9.85 9.18
N PHE B 133 -17.20 9.97 8.12
CA PHE B 133 -17.36 11.09 7.21
C PHE B 133 -18.66 10.97 6.41
N CYS B 134 -19.01 9.76 5.99
CA CYS B 134 -20.19 9.59 5.15
C CYS B 134 -21.48 9.79 5.93
N GLN B 135 -21.45 9.56 7.25
CA GLN B 135 -22.63 9.86 8.06
C GLN B 135 -22.81 11.35 8.24
N LEU B 136 -21.72 12.12 8.19
CA LEU B 136 -21.83 13.57 8.19
C LEU B 136 -22.48 14.07 6.90
N VAL B 137 -22.10 13.48 5.76
CA VAL B 137 -22.79 13.78 4.50
C VAL B 137 -24.27 13.44 4.64
N ALA B 138 -24.58 12.31 5.27
CA ALA B 138 -25.97 11.91 5.46
C ALA B 138 -26.75 12.91 6.31
N GLN B 139 -26.06 13.62 7.19
CA GLN B 139 -26.69 14.61 8.07
C GLN B 139 -26.66 16.01 7.49
N LYS B 140 -26.27 16.15 6.22
CA LYS B 140 -26.24 17.44 5.53
C LYS B 140 -25.29 18.42 6.20
N GLN B 141 -24.25 17.90 6.85
CA GLN B 141 -23.23 18.73 7.48
C GLN B 141 -21.91 18.74 6.71
N LYS B 142 -21.75 17.85 5.73
CA LYS B 142 -20.57 17.85 4.88
C LYS B 142 -20.98 17.44 3.47
N ARG B 143 -20.17 17.83 2.51
CA ARG B 143 -20.38 17.41 1.13
C ARG B 143 -19.26 16.45 0.72
N PRO B 144 -19.52 15.58 -0.27
CA PRO B 144 -18.46 14.69 -0.76
C PRO B 144 -17.19 15.43 -1.14
N THR B 145 -17.30 16.57 -1.81
CA THR B 145 -16.14 17.36 -2.21
C THR B 145 -15.37 17.94 -1.02
N ASP B 146 -15.91 17.89 0.20
CA ASP B 146 -15.18 18.41 1.34
C ASP B 146 -14.05 17.50 1.79
N LEU B 147 -13.98 16.29 1.25
CA LEU B 147 -12.98 15.30 1.66
C LEU B 147 -11.85 15.27 0.65
N ASP B 148 -10.72 15.88 0.99
CA ASP B 148 -9.51 15.80 0.18
C ASP B 148 -8.50 14.90 0.88
N VAL B 149 -7.24 14.98 0.45
CA VAL B 149 -6.20 14.13 1.04
C VAL B 149 -5.96 14.50 2.50
N ASP B 150 -5.80 15.81 2.77
CA ASP B 150 -5.43 16.25 4.11
C ASP B 150 -6.59 16.15 5.08
N THR B 151 -7.82 16.36 4.59
CA THR B 151 -9.00 16.19 5.44
C THR B 151 -9.09 14.75 5.93
N LEU B 152 -9.00 13.79 5.01
CA LEU B 152 -9.08 12.38 5.39
C LEU B 152 -7.99 12.01 6.39
N ALA B 153 -6.78 12.52 6.18
CA ALA B 153 -5.70 12.27 7.14
C ALA B 153 -6.03 12.87 8.51
N SER B 154 -6.83 13.93 8.55
CA SER B 154 -7.16 14.56 9.82
C SER B 154 -8.07 13.69 10.68
N LEU B 155 -8.87 12.80 10.08
CA LEU B 155 -9.82 12.02 10.85
C LEU B 155 -9.51 10.53 10.81
N LEU B 156 -8.25 10.20 10.55
CA LEU B 156 -7.76 8.81 10.44
C LEU B 156 -7.67 7.98 11.72
N SER B 157 -7.78 8.61 12.87
CA SER B 157 -7.65 7.90 14.14
C SER B 157 -6.20 7.90 14.60
N SER B 158 -5.35 8.50 13.79
CA SER B 158 -3.93 8.66 14.10
C SER B 158 -3.69 10.12 13.78
N ASN B 159 -4.32 10.97 14.59
CA ASN B 159 -4.23 12.40 14.40
C ASN B 159 -3.36 13.05 15.46
N GLY B 160 -2.49 13.94 15.00
CA GLY B 160 -1.57 14.62 15.87
C GLY B 160 -0.28 13.84 15.94
N CYS B 161 -0.29 12.63 15.41
CA CYS B 161 0.94 11.85 15.39
C CYS B 161 1.55 11.85 13.99
N PRO B 162 2.87 12.00 13.89
CA PRO B 162 3.52 11.97 12.57
C PRO B 162 3.50 10.58 11.95
N ASP B 163 3.62 10.56 10.61
CA ASP B 163 3.76 9.31 9.89
C ASP B 163 5.11 8.65 10.17
N PRO B 164 5.19 7.33 10.13
CA PRO B 164 6.48 6.66 10.34
C PRO B 164 7.51 7.03 9.26
N ASP B 165 8.68 7.46 9.70
CA ASP B 165 9.78 7.68 8.75
C ASP B 165 10.53 6.40 8.43
N LEU B 166 10.66 5.51 9.41
CA LEU B 166 11.46 4.30 9.27
C LEU B 166 10.68 3.11 9.82
N VAL B 167 10.66 2.03 9.05
CA VAL B 167 10.11 0.76 9.50
C VAL B 167 11.24 -0.26 9.49
N LEU B 168 11.44 -0.92 10.63
CA LEU B 168 12.33 -2.07 10.71
C LEU B 168 11.47 -3.32 10.59
N LYS B 169 11.63 -4.05 9.50
CA LYS B 169 10.89 -5.29 9.27
C LYS B 169 11.79 -6.46 9.62
N PHE B 170 11.33 -7.29 10.55
CA PHE B 170 12.09 -8.44 11.02
C PHE B 170 11.44 -9.72 10.51
N GLY B 171 12.26 -10.70 10.15
CA GLY B 171 11.76 -12.00 9.75
C GLY B 171 11.83 -12.24 8.26
N PRO B 172 11.30 -13.37 7.82
CA PRO B 172 11.49 -13.83 6.44
C PRO B 172 10.45 -13.36 5.43
N VAL B 173 9.40 -12.65 5.84
CA VAL B 173 8.35 -12.25 4.92
C VAL B 173 8.70 -10.89 4.31
N ASP B 174 8.72 -10.83 2.98
CA ASP B 174 9.02 -9.60 2.25
C ASP B 174 7.74 -8.81 1.98
N SER B 175 7.02 -8.51 3.05
CA SER B 175 5.75 -7.78 2.93
C SER B 175 5.54 -6.97 4.20
N THR B 176 4.81 -5.86 4.06
CA THR B 176 4.44 -5.08 5.24
C THR B 176 3.25 -5.68 5.98
N LEU B 177 2.56 -6.63 5.36
CA LEU B 177 1.56 -7.45 6.05
C LEU B 177 0.46 -6.61 6.70
N GLY B 178 0.05 -5.53 6.02
CA GLY B 178 -1.06 -4.73 6.47
C GLY B 178 -0.70 -3.56 7.36
N PHE B 179 0.59 -3.33 7.60
CA PHE B 179 1.02 -2.22 8.45
C PHE B 179 0.67 -0.89 7.80
N LEU B 180 -0.14 -0.08 8.50
CA LEU B 180 -0.58 1.29 8.21
C LEU B 180 -0.39 1.70 6.75
N PRO B 181 -1.11 1.09 5.80
CA PRO B 181 -0.86 1.39 4.38
C PRO B 181 -0.95 2.85 4.02
N TRP B 182 -1.86 3.62 4.63
CA TRP B 182 -1.96 5.03 4.29
C TRP B 182 -0.73 5.82 4.75
N HIS B 183 -0.13 5.40 5.87
CA HIS B 183 0.91 6.21 6.50
C HIS B 183 2.30 5.93 5.98
N ILE B 184 2.51 4.84 5.24
CA ILE B 184 3.85 4.44 4.83
C ILE B 184 4.18 4.94 3.42
N ARG B 185 3.51 5.99 2.95
CA ARG B 185 3.69 6.43 1.56
C ARG B 185 5.15 6.78 1.28
N LEU B 186 5.86 7.34 2.24
CA LEU B 186 7.25 7.72 2.05
C LEU B 186 8.19 7.03 3.05
N THR B 187 7.68 6.09 3.83
CA THR B 187 8.46 5.41 4.85
C THR B 187 9.59 4.58 4.23
N GLU B 188 10.80 4.74 4.78
CA GLU B 188 11.92 3.89 4.42
C GLU B 188 11.79 2.55 5.12
N ILE B 189 11.92 1.47 4.35
CA ILE B 189 11.71 0.11 4.85
C ILE B 189 13.06 -0.60 4.85
N VAL B 190 13.57 -0.90 6.04
CA VAL B 190 14.82 -1.61 6.21
C VAL B 190 14.51 -2.98 6.81
N SER B 191 15.11 -4.02 6.24
CA SER B 191 14.80 -5.40 6.61
C SER B 191 15.97 -5.99 7.38
N LEU B 192 15.66 -6.57 8.53
CA LEU B 192 16.61 -7.38 9.28
C LEU B 192 16.08 -8.81 9.35
N PRO B 193 16.95 -9.81 9.35
CA PRO B 193 16.46 -11.19 9.25
C PRO B 193 15.74 -11.67 10.51
N SER B 194 16.03 -11.11 11.67
CA SER B 194 15.39 -11.58 12.88
C SER B 194 15.56 -10.56 13.99
N HIS B 195 14.59 -10.53 14.91
CA HIS B 195 14.66 -9.71 16.09
C HIS B 195 15.13 -10.48 17.31
N LEU B 196 15.40 -11.78 17.17
CA LEU B 196 15.35 -12.70 18.31
C LEU B 196 16.50 -12.53 19.29
N ASN B 197 17.67 -12.09 18.82
CA ASN B 197 18.73 -11.74 19.76
C ASN B 197 19.36 -10.43 19.31
N ILE B 198 18.50 -9.46 19.02
CA ILE B 198 18.93 -8.23 18.39
C ILE B 198 19.94 -7.50 19.26
N SER B 199 20.96 -6.94 18.63
CA SER B 199 22.01 -6.22 19.30
C SER B 199 21.87 -4.73 19.02
N TYR B 200 22.37 -3.91 19.95
CA TYR B 200 22.38 -2.47 19.75
C TYR B 200 23.12 -2.09 18.47
N GLU B 201 24.27 -2.73 18.21
CA GLU B 201 25.02 -2.43 17.00
C GLU B 201 24.22 -2.72 15.75
N ASP B 202 23.42 -3.79 15.75
CA ASP B 202 22.61 -4.12 14.59
C ASP B 202 21.49 -3.12 14.41
N PHE B 203 20.82 -2.76 15.51
CA PHE B 203 19.80 -1.73 15.47
C PHE B 203 20.38 -0.40 14.99
N PHE B 204 21.50 0.02 15.56
CA PHE B 204 22.10 1.29 15.15
C PHE B 204 22.58 1.26 13.71
N SER B 205 22.99 0.09 13.21
CA SER B 205 23.35 0.00 11.79
C SER B 205 22.17 0.37 10.91
N ALA B 206 20.97 -0.07 11.27
CA ALA B 206 19.79 0.32 10.51
C ALA B 206 19.54 1.81 10.60
N LEU B 207 19.85 2.43 11.75
CA LEU B 207 19.65 3.86 11.90
C LEU B 207 20.54 4.64 10.94
N ARG B 208 21.81 4.24 10.82
CA ARG B 208 22.68 4.98 9.91
C ARG B 208 22.34 4.72 8.46
N GLN B 209 21.66 3.59 8.17
CA GLN B 209 21.14 3.37 6.82
C GLN B 209 20.04 4.39 6.50
N TYR B 210 19.11 4.59 7.44
CA TYR B 210 18.09 5.61 7.25
C TYR B 210 18.70 7.00 7.17
N ALA B 211 19.74 7.25 7.98
CA ALA B 211 20.37 8.56 7.98
C ALA B 211 20.99 8.88 6.63
N ALA B 212 21.41 7.86 5.88
CA ALA B 212 22.09 8.06 4.61
C ALA B 212 21.14 8.14 3.43
N CYS B 213 19.86 7.84 3.62
CA CYS B 213 18.92 7.78 2.52
C CYS B 213 18.53 9.18 2.07
N GLU B 214 18.24 9.32 0.78
CA GLU B 214 17.97 10.60 0.15
C GLU B 214 16.54 10.60 -0.36
N GLN B 215 15.73 11.53 0.13
CA GLN B 215 14.32 11.62 -0.23
C GLN B 215 14.11 12.88 -1.06
N ARG B 216 13.71 12.69 -2.31
CA ARG B 216 13.60 13.80 -3.25
C ARG B 216 12.17 14.31 -3.40
N LEU B 217 11.19 13.58 -2.88
CA LEU B 217 9.80 14.03 -2.82
C LEU B 217 9.23 14.34 -4.19
N GLY B 218 9.64 13.58 -5.21
CA GLY B 218 9.13 13.77 -6.56
C GLY B 218 9.93 14.71 -7.43
N LYS B 219 10.75 15.56 -6.83
CA LYS B 219 11.57 16.51 -7.60
C LYS B 219 12.81 15.85 -8.20
P1 ISY C . 10.99 9.90 -4.84
O2 ISY C . 10.21 8.91 -5.91
P3 ISY C . 10.28 9.03 -7.56
O4 ISY C . 10.21 9.88 -3.54
O5 ISY C . 11.02 11.31 -5.40
O6 ISY C . 12.40 9.44 -4.62
O7 ISY C . 11.71 9.19 -8.02
O8 ISY C . 9.41 10.17 -8.02
S9 ISY C . 9.56 7.22 -8.40
C10 ISY C . 7.75 7.21 -8.47
C11 ISY C . 7.25 8.15 -9.56
C12 ISY C . 7.18 7.43 -10.91
C13 ISY C . 7.84 6.06 -11.11
C14 ISY C . 6.54 8.00 -11.91
C1 GGS D . 10.94 7.99 -12.53
S1 GGS D . 12.67 7.76 -12.94
C2 GGS D . 10.08 7.39 -13.62
C3 GGS D . 9.21 8.08 -14.26
C4 GGS D . 9.01 9.55 -13.93
C5 GGS D . 8.40 7.38 -15.32
C6 GGS D . 9.08 7.46 -16.68
C7 GGS D . 9.13 6.08 -17.28
C8 GGS D . 8.59 5.84 -18.46
C9 GGS D . 7.90 6.95 -19.22
PA GGS D . 13.50 9.50 -12.13
PB GGS D . 15.93 9.35 -10.76
C10 GGS D . 8.68 4.44 -19.03
C11 GGS D . 7.03 6.36 -20.35
C12 GGS D . 6.07 5.33 -19.76
C13 GGS D . 4.90 5.13 -20.28
C14 GGS D . 3.95 4.10 -19.69
C15 GGS D . 4.45 5.94 -21.49
C16 GGS D . 3.76 7.19 -20.96
C17 GGS D . 4.83 8.17 -20.50
C18 GGS D . 4.49 9.15 -19.70
C19 GGS D . 3.05 9.32 -19.22
O1A GGS D . 12.99 9.71 -10.76
O1B GGS D . 15.13 8.73 -9.67
C20 GGS D . 5.57 10.13 -19.25
O2A GGS D . 13.07 10.66 -12.96
O2B GGS D . 16.30 10.75 -10.41
O3A GGS D . 15.08 9.39 -12.12
O3B GGS D . 17.18 8.62 -11.01
MG MG E . 13.35 8.58 -8.88
#